data_2YIZ
#
_entry.id   2YIZ
#
_cell.length_a   94.302
_cell.length_b   94.302
_cell.length_c   230.907
_cell.angle_alpha   90.00
_cell.angle_beta   90.00
_cell.angle_gamma   120.00
#
_symmetry.space_group_name_H-M   'H 3 2'
#
loop_
_entity.id
_entity.type
_entity.pdbx_description
1 polymer DODECIN
2 non-polymer 'COENZYME A'
3 non-polymer 'FLAVIN MONONUCLEOTIDE'
4 non-polymer GLYCEROL
5 non-polymer 'CHLORIDE ION'
6 non-polymer 2-AMINO-2-HYDROXYMETHYL-PROPANE-1,3-DIOL
7 water water
#
_entity_poly.entity_id   1
_entity_poly.type   'polypeptide(L)'
_entity_poly.pdbx_seq_one_letter_code
;SNHTYRVIEIVGTSPDGVDAAIQGGLARAAQTMRALDWFEVQSIRGHLVDGAVAHFQVTMKVGFRLEDS
;
_entity_poly.pdbx_strand_id   A,B,C,D
#
loop_
_chem_comp.id
_chem_comp.type
_chem_comp.name
_chem_comp.formula
CL non-polymer 'CHLORIDE ION' 'Cl -1'
COA non-polymer 'COENZYME A' 'C21 H36 N7 O16 P3 S'
FMN non-polymer 'FLAVIN MONONUCLEOTIDE' 'C17 H21 N4 O9 P'
GOL non-polymer GLYCEROL 'C3 H8 O3'
TRS non-polymer 2-AMINO-2-HYDROXYMETHYL-PROPANE-1,3-DIOL 'C4 H12 N O3 1'
#
# COMPACT_ATOMS: atom_id res chain seq x y z
N SER A 1 -16.52 19.51 -14.15
CA SER A 1 -16.54 20.07 -12.76
C SER A 1 -15.29 19.66 -11.99
N ASN A 2 -15.17 20.15 -10.76
CA ASN A 2 -14.09 19.70 -9.86
C ASN A 2 -14.57 18.60 -8.93
N HIS A 3 -14.09 17.39 -9.14
CA HIS A 3 -14.59 16.24 -8.40
C HIS A 3 -14.03 16.23 -6.98
N THR A 4 -14.78 15.62 -6.06
CA THR A 4 -14.35 15.38 -4.69
C THR A 4 -14.35 13.88 -4.50
N TYR A 5 -13.35 13.35 -3.81
CA TYR A 5 -13.23 11.91 -3.56
C TYR A 5 -13.32 11.65 -2.07
N ARG A 6 -13.76 10.44 -1.75
CA ARG A 6 -13.78 9.95 -0.38
C ARG A 6 -12.83 8.76 -0.31
N VAL A 7 -12.11 8.64 0.79
CA VAL A 7 -11.12 7.56 0.97
C VAL A 7 -11.46 6.79 2.23
N ILE A 8 -11.76 5.50 2.08
CA ILE A 8 -12.10 4.66 3.21
C ILE A 8 -10.96 3.66 3.39
N GLU A 9 -10.98 2.97 4.51
CA GLU A 9 -9.95 1.97 4.82
C GLU A 9 -10.60 0.60 5.05
N ILE A 10 -10.09 -0.40 4.35
CA ILE A 10 -10.57 -1.76 4.48
C ILE A 10 -9.42 -2.74 4.65
N VAL A 11 -9.72 -3.95 5.14
CA VAL A 11 -8.71 -4.98 5.20
C VAL A 11 -9.24 -6.19 4.42
N GLY A 12 -8.55 -6.58 3.35
CA GLY A 12 -8.84 -7.81 2.64
C GLY A 12 -8.05 -8.96 3.20
N THR A 13 -8.63 -10.16 3.18
CA THR A 13 -7.91 -11.32 3.70
C THR A 13 -8.01 -12.51 2.76
N SER A 14 -6.99 -13.37 2.86
CA SER A 14 -6.97 -14.63 2.10
C SER A 14 -5.83 -15.47 2.61
N PRO A 15 -6.02 -16.81 2.63
CA PRO A 15 -4.87 -17.63 2.94
C PRO A 15 -3.86 -17.71 1.79
N ASP A 16 -4.27 -17.26 0.61
N ASP A 16 -4.23 -17.32 0.58
CA ASP A 16 -3.53 -17.47 -0.64
CA ASP A 16 -3.37 -17.58 -0.59
C ASP A 16 -2.64 -16.33 -1.10
C ASP A 16 -2.17 -16.62 -0.71
N GLY A 17 -2.37 -15.38 -0.20
N GLY A 17 -2.38 -15.37 -0.32
CA GLY A 17 -1.30 -14.42 -0.41
CA GLY A 17 -1.30 -14.42 -0.41
C GLY A 17 -1.76 -12.98 -0.50
C GLY A 17 -1.75 -12.98 -0.48
N VAL A 18 -0.80 -12.10 -0.77
CA VAL A 18 -1.01 -10.67 -0.79
C VAL A 18 -1.99 -10.24 -1.91
N ASP A 19 -1.73 -10.69 -3.14
CA ASP A 19 -2.61 -10.37 -4.28
C ASP A 19 -4.06 -10.85 -4.00
N ALA A 20 -4.21 -12.06 -3.48
CA ALA A 20 -5.54 -12.62 -3.23
C ALA A 20 -6.28 -11.82 -2.16
N ALA A 21 -5.56 -11.36 -1.15
CA ALA A 21 -6.14 -10.54 -0.08
C ALA A 21 -6.59 -9.19 -0.60
N ILE A 22 -5.76 -8.57 -1.44
CA ILE A 22 -6.10 -7.31 -2.09
C ILE A 22 -7.35 -7.48 -2.92
N GLN A 23 -7.34 -8.49 -3.77
CA GLN A 23 -8.45 -8.71 -4.68
C GLN A 23 -9.74 -9.02 -3.91
N GLY A 24 -9.62 -9.79 -2.83
CA GLY A 24 -10.79 -10.15 -2.03
C GLY A 24 -11.42 -8.96 -1.34
N GLY A 25 -10.59 -8.13 -0.74
CA GLY A 25 -11.06 -6.91 -0.09
C GLY A 25 -11.75 -5.97 -1.06
N LEU A 26 -11.12 -5.78 -2.20
CA LEU A 26 -11.64 -4.86 -3.19
C LEU A 26 -12.96 -5.38 -3.78
N ALA A 27 -13.06 -6.71 -3.95
CA ALA A 27 -14.28 -7.32 -4.49
C ALA A 27 -15.45 -7.09 -3.55
N ARG A 28 -15.20 -7.24 -2.25
CA ARG A 28 -16.23 -6.95 -1.25
C ARG A 28 -16.60 -5.47 -1.29
N ALA A 29 -15.60 -4.59 -1.37
CA ALA A 29 -15.86 -3.16 -1.39
C ALA A 29 -16.73 -2.78 -2.61
N ALA A 30 -16.46 -3.40 -3.75
CA ALA A 30 -17.16 -3.04 -4.98
C ALA A 30 -18.65 -3.39 -4.93
N GLN A 31 -18.99 -4.42 -4.17
CA GLN A 31 -20.40 -4.88 -4.07
C GLN A 31 -21.35 -3.76 -3.63
N THR A 32 -20.91 -2.96 -2.68
CA THR A 32 -21.76 -1.90 -2.13
C THR A 32 -21.34 -0.48 -2.48
N MET A 33 -20.11 -0.28 -2.94
CA MET A 33 -19.62 1.05 -3.29
CA MET A 33 -19.60 1.06 -3.27
C MET A 33 -19.56 1.27 -4.79
N ARG A 34 -19.55 2.55 -5.17
CA ARG A 34 -19.58 2.93 -6.56
C ARG A 34 -18.44 3.87 -6.87
N ALA A 35 -18.00 3.85 -8.13
CA ALA A 35 -17.03 4.81 -8.63
C ALA A 35 -15.68 4.63 -7.93
N LEU A 36 -15.33 3.39 -7.60
CA LEU A 36 -13.98 3.10 -7.05
C LEU A 36 -12.91 3.48 -8.07
N ASP A 37 -11.86 4.15 -7.62
CA ASP A 37 -10.88 4.72 -8.53
C ASP A 37 -9.47 4.21 -8.24
N TRP A 38 -9.07 4.16 -6.98
CA TRP A 38 -7.69 3.71 -6.66
C TRP A 38 -7.63 3.06 -5.28
N PHE A 39 -6.55 2.32 -5.04
CA PHE A 39 -6.22 1.86 -3.69
C PHE A 39 -4.74 2.04 -3.42
N GLU A 40 -4.43 2.06 -2.13
CA GLU A 40 -3.09 2.20 -1.62
C GLU A 40 -2.93 1.25 -0.45
N VAL A 41 -1.98 0.33 -0.54
CA VAL A 41 -1.73 -0.59 0.57
C VAL A 41 -1.08 0.15 1.75
N GLN A 42 -1.65 -0.03 2.94
CA GLN A 42 -1.16 0.57 4.17
C GLN A 42 -0.26 -0.38 4.95
N SER A 43 -0.62 -1.67 4.94
CA SER A 43 0.13 -2.69 5.66
C SER A 43 -0.20 -4.08 5.17
N ILE A 44 0.75 -4.99 5.34
CA ILE A 44 0.59 -6.41 5.08
C ILE A 44 0.94 -7.14 6.37
N ARG A 45 -0.05 -7.81 6.94
CA ARG A 45 0.06 -8.54 8.17
C ARG A 45 -0.49 -9.93 7.92
N GLY A 46 -0.44 -10.78 8.94
CA GLY A 46 -1.14 -12.05 8.85
C GLY A 46 -1.27 -12.72 10.18
N HIS A 47 -2.21 -13.65 10.25
CA HIS A 47 -2.46 -14.46 11.42
C HIS A 47 -1.86 -15.84 11.19
N LEU A 48 -1.09 -16.32 12.16
CA LEU A 48 -0.44 -17.62 12.13
C LEU A 48 -1.20 -18.60 13.05
N VAL A 49 -1.41 -19.80 12.55
CA VAL A 49 -2.03 -20.90 13.32
C VAL A 49 -1.22 -22.16 13.04
N ASP A 50 -0.77 -22.82 14.12
CA ASP A 50 0.05 -24.03 14.03
C ASP A 50 1.28 -23.81 13.12
N GLY A 51 1.86 -22.61 13.23
CA GLY A 51 3.07 -22.29 12.51
C GLY A 51 2.90 -21.94 11.05
N ALA A 52 1.66 -21.94 10.54
CA ALA A 52 1.34 -21.66 9.13
C ALA A 52 0.54 -20.37 9.01
N VAL A 53 0.57 -19.72 7.84
CA VAL A 53 -0.26 -18.52 7.63
C VAL A 53 -1.71 -18.93 7.35
N ALA A 54 -2.58 -18.61 8.31
CA ALA A 54 -4.00 -18.86 8.16
C ALA A 54 -4.66 -17.84 7.24
N HIS A 55 -4.32 -16.56 7.44
CA HIS A 55 -4.74 -15.49 6.54
C HIS A 55 -3.70 -14.42 6.44
N PHE A 56 -3.41 -14.02 5.20
CA PHE A 56 -2.78 -12.75 4.89
C PHE A 56 -3.86 -11.67 5.07
N GLN A 57 -3.46 -10.53 5.62
CA GLN A 57 -4.38 -9.43 5.92
C GLN A 57 -3.77 -8.16 5.36
N VAL A 58 -4.39 -7.59 4.32
CA VAL A 58 -3.83 -6.44 3.61
C VAL A 58 -4.77 -5.26 3.80
N THR A 59 -4.29 -4.27 4.54
CA THR A 59 -5.04 -3.04 4.83
C THR A 59 -4.82 -2.10 3.65
N MET A 60 -5.91 -1.54 3.13
CA MET A 60 -5.86 -0.65 1.99
C MET A 60 -6.68 0.58 2.25
N LYS A 61 -6.18 1.72 1.80
CA LYS A 61 -7.05 2.87 1.55
CA LYS A 61 -7.04 2.88 1.55
C LYS A 61 -7.63 2.75 0.15
N VAL A 62 -8.91 3.10 0.02
CA VAL A 62 -9.63 2.94 -1.23
C VAL A 62 -10.33 4.24 -1.52
N GLY A 63 -9.99 4.85 -2.64
CA GLY A 63 -10.56 6.13 -3.01
C GLY A 63 -11.64 5.99 -4.08
N PHE A 64 -12.71 6.75 -3.91
CA PHE A 64 -13.82 6.73 -4.88
C PHE A 64 -14.40 8.12 -5.07
N ARG A 65 -15.00 8.35 -6.23
CA ARG A 65 -15.55 9.63 -6.53
C ARG A 65 -16.91 9.83 -5.88
N LEU A 66 -17.07 10.94 -5.17
CA LEU A 66 -18.36 11.29 -4.59
C LEU A 66 -19.33 11.80 -5.66
N GLU A 67 -20.56 11.33 -5.55
CA GLU A 67 -21.63 11.78 -6.37
C GLU A 67 -22.07 13.14 -5.82
N ASP A 68 -22.68 13.95 -6.65
CA ASP A 68 -23.19 15.26 -6.22
C ASP A 68 -24.44 15.12 -5.34
N SER B 1 -5.34 -15.63 32.18
CA SER B 1 -4.29 -14.65 32.61
C SER B 1 -4.10 -13.56 31.56
N ASN B 2 -3.22 -12.60 31.86
CA ASN B 2 -2.84 -11.59 30.88
C ASN B 2 -1.55 -11.99 30.17
N HIS B 3 -1.65 -12.32 28.90
CA HIS B 3 -0.51 -12.84 28.17
C HIS B 3 0.47 -11.72 27.83
N THR B 4 1.75 -12.09 27.70
CA THR B 4 2.80 -11.18 27.22
C THR B 4 3.34 -11.79 25.94
N TYR B 5 3.62 -10.95 24.95
CA TYR B 5 4.14 -11.42 23.66
C TYR B 5 5.53 -10.85 23.44
N ARG B 6 6.31 -11.59 22.64
CA ARG B 6 7.62 -11.13 22.21
C ARG B 6 7.56 -10.96 20.69
N VAL B 7 8.22 -9.92 20.19
CA VAL B 7 8.20 -9.61 18.75
C VAL B 7 9.63 -9.58 18.23
N ILE B 8 9.95 -10.49 17.31
CA ILE B 8 11.28 -10.54 16.73
C ILE B 8 11.19 -10.12 15.28
N GLU B 9 12.34 -9.87 14.67
CA GLU B 9 12.40 -9.43 13.28
C GLU B 9 13.24 -10.43 12.47
N ILE B 10 12.67 -10.87 11.36
CA ILE B 10 13.32 -11.80 10.46
C ILE B 10 13.19 -11.33 9.01
N VAL B 11 14.05 -11.86 8.14
CA VAL B 11 13.91 -11.58 6.72
C VAL B 11 13.78 -12.92 6.00
N GLY B 12 12.66 -13.14 5.32
CA GLY B 12 12.48 -14.31 4.46
C GLY B 12 12.90 -13.98 3.05
N THR B 13 13.44 -14.98 2.34
CA THR B 13 13.87 -14.74 0.97
C THR B 13 13.39 -15.84 0.03
N SER B 14 13.24 -15.45 -1.22
CA SER B 14 12.90 -16.41 -2.29
C SER B 14 13.06 -15.72 -3.63
N PRO B 15 13.47 -16.47 -4.66
CA PRO B 15 13.43 -15.87 -5.99
C PRO B 15 12.02 -15.75 -6.55
N ASP B 16 11.07 -16.44 -5.92
N ASP B 16 11.04 -16.46 -6.00
CA ASP B 16 9.72 -16.64 -6.46
CA ASP B 16 9.73 -16.54 -6.65
C ASP B 16 8.66 -15.69 -5.94
C ASP B 16 8.86 -15.30 -6.46
N GLY B 17 9.06 -14.60 -5.31
N GLY B 17 8.97 -14.66 -5.30
CA GLY B 17 8.18 -13.49 -5.06
CA GLY B 17 8.18 -13.49 -5.06
C GLY B 17 7.93 -13.19 -3.60
C GLY B 17 7.95 -13.18 -3.59
N VAL B 18 7.07 -12.20 -3.36
CA VAL B 18 6.79 -11.72 -2.02
C VAL B 18 6.15 -12.80 -1.11
N ASP B 19 5.08 -13.44 -1.59
CA ASP B 19 4.42 -14.50 -0.83
C ASP B 19 5.41 -15.63 -0.48
N ALA B 20 6.22 -16.05 -1.44
CA ALA B 20 7.17 -17.14 -1.22
C ALA B 20 8.23 -16.77 -0.17
N ALA B 21 8.66 -15.51 -0.20
CA ALA B 21 9.64 -15.01 0.77
C ALA B 21 9.05 -14.95 2.18
N ILE B 22 7.80 -14.50 2.27
CA ILE B 22 7.08 -14.48 3.54
C ILE B 22 6.94 -15.89 4.09
N GLN B 23 6.45 -16.80 3.26
CA GLN B 23 6.22 -18.17 3.68
C GLN B 23 7.53 -18.85 4.08
N GLY B 24 8.60 -18.57 3.34
CA GLY B 24 9.90 -19.20 3.63
C GLY B 24 10.48 -18.75 4.96
N GLY B 25 10.43 -17.44 5.21
CA GLY B 25 10.90 -16.87 6.45
C GLY B 25 10.14 -17.42 7.64
N LEU B 26 8.82 -17.45 7.52
CA LEU B 26 7.96 -17.91 8.60
C LEU B 26 8.17 -19.40 8.86
N ALA B 27 8.38 -20.18 7.80
CA ALA B 27 8.61 -21.63 7.93
C ALA B 27 9.88 -21.89 8.74
N ARG B 28 10.94 -21.12 8.44
CA ARG B 28 12.18 -21.23 9.20
C ARG B 28 11.94 -20.82 10.65
N ALA B 29 11.21 -19.74 10.86
CA ALA B 29 10.94 -19.25 12.21
C ALA B 29 10.21 -20.31 13.03
N ALA B 30 9.27 -21.01 12.41
CA ALA B 30 8.40 -21.95 13.14
C ALA B 30 9.20 -23.14 13.65
N GLN B 31 10.30 -23.47 12.98
CA GLN B 31 11.15 -24.61 13.40
C GLN B 31 11.71 -24.46 14.83
N THR B 32 12.03 -23.24 15.23
CA THR B 32 12.66 -23.01 16.53
C THR B 32 11.93 -22.04 17.48
N MET B 33 10.80 -21.47 17.04
CA MET B 33 9.96 -20.67 17.93
CA MET B 33 9.97 -20.62 17.90
C MET B 33 8.58 -21.25 18.02
N ARG B 34 7.97 -21.08 19.18
CA ARG B 34 6.67 -21.69 19.46
C ARG B 34 5.64 -20.61 19.68
N ALA B 35 4.37 -20.95 19.46
CA ALA B 35 3.24 -20.08 19.76
C ALA B 35 3.29 -18.82 18.89
N LEU B 36 3.73 -18.98 17.64
CA LEU B 36 3.68 -17.84 16.67
C LEU B 36 2.23 -17.41 16.47
N ASP B 37 1.99 -16.11 16.46
CA ASP B 37 0.63 -15.60 16.44
C ASP B 37 0.38 -14.67 15.24
N TRP B 38 1.30 -13.76 14.97
CA TRP B 38 1.09 -12.80 13.86
C TRP B 38 2.42 -12.36 13.24
N PHE B 39 2.33 -11.79 12.04
CA PHE B 39 3.45 -11.10 11.42
C PHE B 39 2.98 -9.81 10.79
N GLU B 40 3.95 -8.92 10.60
CA GLU B 40 3.77 -7.63 10.00
C GLU B 40 4.95 -7.36 9.08
N VAL B 41 4.68 -7.13 7.80
CA VAL B 41 5.75 -6.84 6.86
C VAL B 41 6.30 -5.42 7.11
N GLN B 42 7.63 -5.32 7.24
CA GLN B 42 8.31 -4.07 7.44
C GLN B 42 8.83 -3.46 6.16
N SER B 43 9.31 -4.32 5.25
CA SER B 43 9.84 -3.88 3.98
C SER B 43 9.91 -5.03 2.98
N ILE B 44 9.85 -4.66 1.70
CA ILE B 44 10.06 -5.58 0.60
C ILE B 44 11.20 -5.01 -0.25
N ARG B 45 12.29 -5.75 -0.30
CA ARG B 45 13.49 -5.39 -1.02
C ARG B 45 13.88 -6.57 -1.90
N GLY B 46 14.93 -6.42 -2.67
CA GLY B 46 15.49 -7.55 -3.39
C GLY B 46 16.86 -7.28 -3.91
N HIS B 47 17.57 -8.37 -4.19
CA HIS B 47 18.90 -8.34 -4.77
C HIS B 47 18.78 -8.66 -6.25
N LEU B 48 19.39 -7.82 -7.09
CA LEU B 48 19.41 -7.97 -8.52
C LEU B 48 20.78 -8.52 -8.99
N VAL B 49 20.75 -9.50 -9.89
CA VAL B 49 21.95 -10.07 -10.52
C VAL B 49 21.68 -10.21 -12.01
N ASP B 50 22.56 -9.65 -12.84
CA ASP B 50 22.41 -9.67 -14.30
C ASP B 50 21.04 -9.14 -14.74
N GLY B 51 20.58 -8.11 -14.04
CA GLY B 51 19.34 -7.44 -14.37
C GLY B 51 18.07 -8.14 -13.95
N ALA B 52 18.18 -9.29 -13.28
CA ALA B 52 17.04 -10.11 -12.85
C ALA B 52 16.96 -10.14 -11.32
N VAL B 53 15.77 -10.40 -10.76
CA VAL B 53 15.65 -10.56 -9.30
C VAL B 53 16.17 -11.94 -8.87
N ALA B 54 17.31 -11.94 -8.17
CA ALA B 54 17.88 -13.16 -7.62
C ALA B 54 17.12 -13.63 -6.38
N HIS B 55 16.81 -12.69 -5.48
CA HIS B 55 15.96 -12.95 -4.32
C HIS B 55 15.12 -11.74 -3.97
N PHE B 56 13.82 -11.98 -3.76
CA PHE B 56 12.96 -11.10 -2.98
C PHE B 56 13.32 -11.28 -1.51
N GLN B 57 13.34 -10.18 -0.77
CA GLN B 57 13.73 -10.18 0.64
C GLN B 57 12.66 -9.41 1.41
N VAL B 58 11.92 -10.13 2.24
CA VAL B 58 10.78 -9.55 2.95
C VAL B 58 11.06 -9.58 4.44
N THR B 59 11.22 -8.38 5.01
CA THR B 59 11.50 -8.20 6.44
C THR B 59 10.16 -8.20 7.16
N MET B 60 10.04 -9.00 8.21
CA MET B 60 8.82 -9.13 8.98
C MET B 60 9.09 -9.02 10.45
N LYS B 61 8.20 -8.34 11.16
CA LYS B 61 8.09 -8.57 12.61
CA LYS B 61 8.08 -8.55 12.60
C LYS B 61 7.17 -9.75 12.84
N VAL B 62 7.54 -10.58 13.82
CA VAL B 62 6.82 -11.81 14.10
C VAL B 62 6.56 -11.85 15.57
N GLY B 63 5.29 -11.90 15.93
CA GLY B 63 4.89 -11.92 17.33
C GLY B 63 4.47 -13.29 17.80
N PHE B 64 4.90 -13.63 19.01
CA PHE B 64 4.57 -14.93 19.61
C PHE B 64 4.31 -14.79 21.10
N ARG B 65 3.51 -15.71 21.63
CA ARG B 65 3.18 -15.66 23.02
C ARG B 65 4.29 -16.22 23.89
N LEU B 66 4.70 -15.47 24.90
CA LEU B 66 5.70 -15.94 25.86
C LEU B 66 5.08 -16.93 26.84
N GLU B 67 5.82 -18.01 27.08
CA GLU B 67 5.46 -19.00 28.04
C GLU B 67 5.77 -18.40 29.42
N ASP B 68 5.11 -18.90 30.46
CA ASP B 68 5.37 -18.45 31.82
C ASP B 68 6.70 -18.98 32.35
N SER C 1 -21.27 17.10 28.50
CA SER C 1 -20.89 15.66 28.29
C SER C 1 -19.50 15.54 27.66
N ASN C 2 -19.01 14.30 27.53
CA ASN C 2 -17.76 14.06 26.81
C ASN C 2 -18.04 13.71 25.36
N HIS C 3 -17.69 14.60 24.46
CA HIS C 3 -18.03 14.41 23.05
C HIS C 3 -17.14 13.34 22.42
N THR C 4 -17.67 12.68 21.38
CA THR C 4 -16.91 11.75 20.54
C THR C 4 -16.93 12.33 19.12
N TYR C 5 -15.79 12.25 18.44
CA TYR C 5 -15.68 12.76 17.07
C TYR C 5 -15.42 11.62 16.12
N ARG C 6 -15.80 11.84 14.87
CA ARG C 6 -15.49 10.93 13.77
C ARG C 6 -14.61 11.67 12.79
N VAL C 7 -13.64 10.96 12.22
CA VAL C 7 -12.68 11.56 11.29
C VAL C 7 -12.72 10.79 9.97
N ILE C 8 -13.12 11.48 8.90
CA ILE C 8 -13.18 10.88 7.59
C ILE C 8 -12.09 11.49 6.72
N GLU C 9 -11.84 10.89 5.56
CA GLU C 9 -10.80 11.35 4.65
C GLU C 9 -11.43 11.65 3.28
N ILE C 10 -11.15 12.84 2.80
CA ILE C 10 -11.65 13.28 1.51
C ILE C 10 -10.54 13.90 0.68
N VAL C 11 -10.75 14.01 -0.64
CA VAL C 11 -9.79 14.71 -1.47
C VAL C 11 -10.55 15.80 -2.21
N GLY C 12 -10.15 17.06 -1.98
CA GLY C 12 -10.68 18.18 -2.73
C GLY C 12 -9.82 18.47 -3.94
N THR C 13 -10.44 18.94 -5.03
CA THR C 13 -9.67 19.23 -6.22
C THR C 13 -10.04 20.58 -6.82
N SER C 14 -9.08 21.14 -7.52
CA SER C 14 -9.28 22.41 -8.27
C SER C 14 -8.09 22.66 -9.15
N PRO C 15 -8.31 23.24 -10.34
CA PRO C 15 -7.16 23.68 -11.11
C PRO C 15 -6.47 24.91 -10.54
N ASP C 16 -7.15 25.59 -9.60
N ASP C 16 -7.11 25.65 -9.64
CA ASP C 16 -6.75 26.93 -9.13
CA ASP C 16 -6.58 26.96 -9.23
C ASP C 16 -5.95 26.95 -7.83
C ASP C 16 -5.43 26.88 -8.24
N GLY C 17 -5.44 25.79 -7.41
N GLY C 17 -5.47 25.90 -7.35
CA GLY C 17 -4.43 25.75 -6.37
CA GLY C 17 -4.42 25.76 -6.37
C GLY C 17 -4.83 25.04 -5.11
C GLY C 17 -4.82 25.02 -5.13
N VAL C 18 -3.92 25.06 -4.15
CA VAL C 18 -4.08 24.33 -2.89
C VAL C 18 -5.28 24.82 -2.07
N ASP C 19 -5.38 26.13 -1.85
CA ASP C 19 -6.49 26.72 -1.09
C ASP C 19 -7.84 26.38 -1.76
N ALA C 20 -7.90 26.52 -3.09
CA ALA C 20 -9.14 26.26 -3.83
C ALA C 20 -9.56 24.79 -3.70
N ALA C 21 -8.59 23.89 -3.75
CA ALA C 21 -8.86 22.46 -3.58
C ALA C 21 -9.36 22.12 -2.18
N ILE C 22 -8.74 22.72 -1.18
CA ILE C 22 -9.18 22.57 0.20
C ILE C 22 -10.60 23.07 0.35
N GLN C 23 -10.85 24.28 -0.12
CA GLN C 23 -12.15 24.88 0.04
C GLN C 23 -13.23 24.08 -0.71
N GLY C 24 -12.88 23.58 -1.89
CA GLY C 24 -13.83 22.81 -2.70
C GLY C 24 -14.22 21.49 -2.05
N GLY C 25 -13.23 20.77 -1.53
CA GLY C 25 -13.47 19.52 -0.84
C GLY C 25 -14.33 19.71 0.39
N LEU C 26 -14.00 20.73 1.16
CA LEU C 26 -14.73 20.99 2.40
C LEU C 26 -16.16 21.43 2.10
N ALA C 27 -16.36 22.21 1.03
CA ALA C 27 -17.69 22.66 0.65
C ALA C 27 -18.58 21.47 0.31
N ARG C 28 -18.02 20.51 -0.43
CA ARG C 28 -18.76 19.29 -0.76
C ARG C 28 -19.07 18.52 0.52
N ALA C 29 -18.09 18.39 1.40
CA ALA C 29 -18.30 17.66 2.65
C ALA C 29 -19.43 18.28 3.47
N ALA C 30 -19.49 19.61 3.51
CA ALA C 30 -20.44 20.31 4.37
C ALA C 30 -21.88 20.08 3.91
N GLN C 31 -22.07 19.86 2.60
CA GLN C 31 -23.42 19.62 2.04
C GLN C 31 -24.14 18.45 2.70
N THR C 32 -23.40 17.39 3.03
CA THR C 32 -24.01 16.16 3.55
C THR C 32 -23.47 15.73 4.92
N MET C 33 -22.70 16.60 5.58
CA MET C 33 -22.17 16.31 6.92
CA MET C 33 -22.15 16.29 6.90
C MET C 33 -22.41 17.48 7.85
N ARG C 34 -22.56 17.15 9.13
CA ARG C 34 -22.93 18.14 10.12
C ARG C 34 -21.86 18.21 11.19
N ALA C 35 -21.77 19.38 11.82
CA ALA C 35 -20.90 19.59 12.97
C ALA C 35 -19.43 19.40 12.59
N LEU C 36 -19.06 19.82 11.39
CA LEU C 36 -17.63 19.81 10.99
C LEU C 36 -16.84 20.74 11.91
N ASP C 37 -15.68 20.29 12.37
CA ASP C 37 -14.93 21.00 13.37
C ASP C 37 -13.51 21.35 12.93
N TRP C 38 -12.81 20.40 12.32
CA TRP C 38 -11.42 20.67 11.88
C TRP C 38 -11.04 19.84 10.67
N PHE C 39 -9.96 20.26 10.01
CA PHE C 39 -9.33 19.43 8.98
C PHE C 39 -7.82 19.45 9.14
N GLU C 40 -7.20 18.44 8.55
CA GLU C 40 -5.77 18.26 8.54
C GLU C 40 -5.37 17.79 7.16
N VAL C 41 -4.50 18.53 6.49
CA VAL C 41 -4.02 18.10 5.17
C VAL C 41 -3.07 16.91 5.31
N GLN C 42 -3.34 15.87 4.54
CA GLN C 42 -2.52 14.66 4.51
C GLN C 42 -1.51 14.68 3.39
N SER C 43 -1.91 15.21 2.23
CA SER C 43 -1.03 15.29 1.08
C SER C 43 -1.55 16.30 0.06
N ILE C 44 -0.60 16.82 -0.73
CA ILE C 44 -0.89 17.69 -1.86
C ILE C 44 -0.26 17.04 -3.08
N ARG C 45 -1.09 16.67 -4.02
CA ARG C 45 -0.71 16.02 -5.26
C ARG C 45 -1.37 16.77 -6.39
N GLY C 46 -1.10 16.35 -7.63
CA GLY C 46 -1.85 16.86 -8.75
C GLY C 46 -1.67 16.03 -9.98
N HIS C 47 -2.60 16.21 -10.91
CA HIS C 47 -2.59 15.56 -12.20
C HIS C 47 -2.12 16.56 -13.24
N LEU C 48 -1.15 16.15 -14.05
CA LEU C 48 -0.57 16.95 -15.13
C LEU C 48 -1.11 16.49 -16.49
N VAL C 49 -1.50 17.46 -17.32
CA VAL C 49 -1.95 17.20 -18.70
C VAL C 49 -1.29 18.23 -19.60
N ASP C 50 -0.63 17.77 -20.65
CA ASP C 50 0.11 18.64 -21.59
C ASP C 50 1.07 19.57 -20.85
N GLY C 51 1.71 19.04 -19.81
CA GLY C 51 2.71 19.77 -19.07
C GLY C 51 2.19 20.79 -18.07
N ALA C 52 0.88 20.91 -17.94
CA ALA C 52 0.23 21.88 -17.05
C ALA C 52 -0.52 21.17 -15.93
N VAL C 53 -0.75 21.85 -14.79
CA VAL C 53 -1.55 21.25 -13.72
C VAL C 53 -3.04 21.32 -14.08
N ALA C 54 -3.64 20.17 -14.34
CA ALA C 54 -5.06 20.06 -14.62
C ALA C 54 -5.88 20.18 -13.35
N HIS C 55 -5.45 19.49 -12.28
CA HIS C 55 -6.06 19.63 -10.95
C HIS C 55 -5.02 19.44 -9.87
N PHE C 56 -5.04 20.37 -8.91
CA PHE C 56 -4.45 20.15 -7.59
C PHE C 56 -5.41 19.22 -6.84
N GLN C 57 -4.84 18.29 -6.07
CA GLN C 57 -5.61 17.28 -5.34
C GLN C 57 -5.10 17.27 -3.90
N VAL C 58 -5.93 17.74 -2.98
CA VAL C 58 -5.53 17.89 -1.57
C VAL C 58 -6.35 16.93 -0.72
N THR C 59 -5.65 15.94 -0.16
CA THR C 59 -6.25 14.92 0.72
C THR C 59 -6.30 15.50 2.13
N MET C 60 -7.47 15.43 2.75
CA MET C 60 -7.67 15.96 4.08
C MET C 60 -8.36 14.94 4.97
N LYS C 61 -7.93 14.89 6.22
CA LYS C 61 -8.78 14.32 7.27
CA LYS C 61 -8.78 14.33 7.27
C LYS C 61 -9.71 15.41 7.78
N VAL C 62 -10.96 15.04 8.03
CA VAL C 62 -11.98 16.01 8.43
C VAL C 62 -12.67 15.44 9.65
N GLY C 63 -12.61 16.18 10.74
CA GLY C 63 -13.20 15.77 11.99
C GLY C 63 -14.50 16.47 12.28
N PHE C 64 -15.48 15.71 12.77
CA PHE C 64 -16.79 16.25 13.13
C PHE C 64 -17.34 15.59 14.38
N ARG C 65 -18.18 16.32 15.09
CA ARG C 65 -18.76 15.82 16.30
C ARG C 65 -19.90 14.86 16.04
N LEU C 66 -19.83 13.69 16.66
CA LEU C 66 -20.92 12.72 16.57
C LEU C 66 -22.08 13.14 17.43
N GLU C 67 -23.27 13.01 16.85
CA GLU C 67 -24.51 13.24 17.54
C GLU C 67 -24.73 12.01 18.43
N ASP C 68 -25.47 12.20 19.51
CA ASP C 68 -25.83 11.08 20.40
C ASP C 68 -26.83 10.12 19.75
N SER D 1 38.32 -0.47 -4.77
CA SER D 1 37.96 0.97 -4.55
C SER D 1 36.72 1.10 -3.68
N ASN D 2 36.34 2.33 -3.35
CA ASN D 2 35.09 2.59 -2.63
C ASN D 2 34.03 2.98 -3.64
N HIS D 3 33.05 2.12 -3.82
CA HIS D 3 32.06 2.34 -4.85
C HIS D 3 31.06 3.40 -4.42
N THR D 4 30.46 4.08 -5.40
CA THR D 4 29.36 5.02 -5.20
C THR D 4 28.17 4.48 -5.97
N TYR D 5 26.98 4.56 -5.37
CA TYR D 5 25.76 4.08 -6.00
C TYR D 5 24.81 5.24 -6.26
N ARG D 6 23.97 5.05 -7.26
CA ARG D 6 22.89 6.00 -7.57
C ARG D 6 21.58 5.26 -7.35
N VAL D 7 20.59 5.96 -6.81
CA VAL D 7 19.28 5.36 -6.50
C VAL D 7 18.20 6.16 -7.23
N ILE D 8 17.48 5.49 -8.13
CA ILE D 8 16.41 6.14 -8.88
C ILE D 8 15.09 5.53 -8.42
N GLU D 9 14.00 6.15 -8.82
CA GLU D 9 12.66 5.70 -8.44
C GLU D 9 11.84 5.45 -9.70
N ILE D 10 11.25 4.26 -9.75
CA ILE D 10 10.42 3.86 -10.87
C ILE D 10 9.12 3.23 -10.37
N VAL D 11 8.11 3.16 -11.24
CA VAL D 11 6.89 2.47 -10.91
C VAL D 11 6.65 1.40 -11.96
N GLY D 12 6.63 0.13 -11.53
CA GLY D 12 6.25 -0.98 -12.39
C GLY D 12 4.78 -1.25 -12.30
N THR D 13 4.17 -1.68 -13.41
CA THR D 13 2.73 -1.95 -13.41
C THR D 13 2.41 -3.28 -14.06
N SER D 14 1.30 -3.85 -13.63
CA SER D 14 0.77 -5.08 -14.22
C SER D 14 -0.62 -5.34 -13.68
N PRO D 15 -1.52 -5.88 -14.52
CA PRO D 15 -2.79 -6.32 -13.96
C PRO D 15 -2.68 -7.58 -13.11
N ASP D 16 -1.54 -8.27 -13.20
N ASP D 16 -1.58 -8.34 -13.19
CA ASP D 16 -1.35 -9.62 -12.64
CA ASP D 16 -1.53 -9.65 -12.55
C ASP D 16 -0.67 -9.68 -11.27
C ASP D 16 -1.30 -9.61 -11.04
N GLY D 17 -0.59 -8.55 -10.58
N GLY D 17 -0.51 -8.64 -10.59
CA GLY D 17 -0.25 -8.53 -9.17
CA GLY D 17 -0.24 -8.54 -9.17
C GLY D 17 1.04 -7.82 -8.84
C GLY D 17 1.03 -7.81 -8.83
N VAL D 18 1.38 -7.88 -7.55
CA VAL D 18 2.53 -7.17 -7.01
C VAL D 18 3.87 -7.69 -7.60
N ASP D 19 4.09 -9.01 -7.58
CA ASP D 19 5.32 -9.60 -8.15
C ASP D 19 5.47 -9.22 -9.63
N ALA D 20 4.38 -9.31 -10.40
CA ALA D 20 4.41 -9.03 -11.84
C ALA D 20 4.75 -7.56 -12.10
N ALA D 21 4.21 -6.67 -11.27
CA ALA D 21 4.51 -5.24 -11.38
C ALA D 21 5.97 -4.93 -11.06
N ILE D 22 6.49 -5.57 -10.01
CA ILE D 22 7.90 -5.44 -9.65
C ILE D 22 8.78 -5.91 -10.80
N GLN D 23 8.51 -7.12 -11.28
CA GLN D 23 9.31 -7.70 -12.33
C GLN D 23 9.25 -6.87 -13.61
N GLY D 24 8.07 -6.35 -13.92
CA GLY D 24 7.90 -5.55 -15.14
C GLY D 24 8.68 -4.25 -15.11
N GLY D 25 8.59 -3.55 -13.98
CA GLY D 25 9.33 -2.31 -13.77
C GLY D 25 10.82 -2.53 -13.86
N LEU D 26 11.30 -3.56 -13.19
CA LEU D 26 12.72 -3.83 -13.16
C LEU D 26 13.22 -4.25 -14.54
N ALA D 27 12.40 -5.00 -15.29
CA ALA D 27 12.79 -5.44 -16.64
C ALA D 27 12.98 -4.23 -17.54
N ARG D 28 12.06 -3.25 -17.44
CA ARG D 28 12.20 -2.02 -18.21
C ARG D 28 13.45 -1.26 -17.78
N ALA D 29 13.68 -1.15 -16.47
CA ALA D 29 14.87 -0.46 -15.98
C ALA D 29 16.15 -1.10 -16.52
N ALA D 30 16.18 -2.42 -16.57
CA ALA D 30 17.40 -3.14 -16.94
C ALA D 30 17.80 -2.88 -18.39
N GLN D 31 16.83 -2.52 -19.22
CA GLN D 31 17.11 -2.25 -20.64
C GLN D 31 18.05 -1.05 -20.86
N THR D 32 17.97 -0.06 -19.99
CA THR D 32 18.73 1.18 -20.17
C THR D 32 19.63 1.59 -18.99
N MET D 33 19.64 0.80 -17.91
CA MET D 33 20.58 1.04 -16.81
CA MET D 33 20.53 1.05 -16.77
C MET D 33 21.42 -0.19 -16.58
N ARG D 34 22.65 0.03 -16.13
CA ARG D 34 23.61 -1.04 -15.96
C ARG D 34 23.97 -1.16 -14.49
N ALA D 35 24.42 -2.34 -14.10
CA ALA D 35 24.96 -2.56 -12.76
C ALA D 35 23.86 -2.39 -11.70
N LEU D 36 22.64 -2.79 -12.04
CA LEU D 36 21.54 -2.80 -11.04
C LEU D 36 21.90 -3.76 -9.90
N ASP D 37 21.69 -3.33 -8.67
CA ASP D 37 22.13 -4.08 -7.52
C ASP D 37 20.98 -4.43 -6.56
N TRP D 38 20.10 -3.47 -6.26
CA TRP D 38 19.00 -3.75 -5.32
C TRP D 38 17.78 -2.91 -5.63
N PHE D 39 16.65 -3.32 -5.07
CA PHE D 39 15.45 -2.49 -5.06
C PHE D 39 14.77 -2.54 -3.70
N GLU D 40 13.96 -1.52 -3.47
CA GLU D 40 13.20 -1.36 -2.25
C GLU D 40 11.83 -0.86 -2.63
N VAL D 41 10.79 -1.59 -2.25
CA VAL D 41 9.44 -1.13 -2.55
C VAL D 41 9.05 0.05 -1.64
N GLN D 42 8.56 1.11 -2.26
CA GLN D 42 8.11 2.31 -1.56
C GLN D 42 6.62 2.29 -1.29
N SER D 43 5.84 1.79 -2.26
CA SER D 43 4.39 1.73 -2.13
C SER D 43 3.80 0.74 -3.11
N ILE D 44 2.63 0.22 -2.75
CA ILE D 44 1.81 -0.61 -3.62
C ILE D 44 0.44 0.06 -3.71
N ARG D 45 0.10 0.47 -4.92
CA ARG D 45 -1.14 1.14 -5.23
C ARG D 45 -1.77 0.42 -6.41
N GLY D 46 -2.96 0.86 -6.82
CA GLY D 46 -3.51 0.38 -8.07
C GLY D 46 -4.65 1.23 -8.54
N HIS D 47 -4.94 1.09 -9.83
CA HIS D 47 -6.04 1.77 -10.50
C HIS D 47 -7.17 0.78 -10.67
N LEU D 48 -8.36 1.20 -10.27
CA LEU D 48 -9.58 0.42 -10.36
CA LEU D 48 -9.59 0.40 -10.38
C LEU D 48 -10.45 0.90 -11.54
N VAL D 49 -10.95 -0.04 -12.32
CA VAL D 49 -11.89 0.26 -13.43
C VAL D 49 -13.02 -0.76 -13.37
N ASP D 50 -14.26 -0.27 -13.34
CA ASP D 50 -15.46 -1.14 -13.26
C ASP D 50 -15.36 -2.10 -12.06
N GLY D 51 -14.80 -1.60 -10.97
CA GLY D 51 -14.72 -2.35 -9.73
C GLY D 51 -13.62 -3.39 -9.66
N ALA D 52 -12.80 -3.51 -10.71
CA ALA D 52 -11.71 -4.49 -10.82
C ALA D 52 -10.35 -3.80 -10.84
N VAL D 53 -9.28 -4.49 -10.44
CA VAL D 53 -7.95 -3.90 -10.54
C VAL D 53 -7.45 -3.95 -11.98
N ALA D 54 -7.35 -2.77 -12.61
CA ALA D 54 -6.82 -2.66 -13.96
C ALA D 54 -5.30 -2.80 -13.99
N HIS D 55 -4.62 -2.12 -13.05
CA HIS D 55 -3.18 -2.29 -12.85
C HIS D 55 -2.80 -2.14 -11.41
N PHE D 56 -1.99 -3.08 -10.92
CA PHE D 56 -1.17 -2.90 -9.72
C PHE D 56 -0.02 -1.97 -10.12
N GLN D 57 0.34 -1.07 -9.21
CA GLN D 57 1.37 -0.06 -9.45
C GLN D 57 2.32 -0.10 -8.26
N VAL D 58 3.54 -0.57 -8.48
CA VAL D 58 4.51 -0.76 -7.40
C VAL D 58 5.68 0.19 -7.61
N THR D 59 5.79 1.16 -6.71
CA THR D 59 6.86 2.17 -6.74
C THR D 59 8.07 1.56 -6.04
N MET D 60 9.22 1.63 -6.69
CA MET D 60 10.46 1.08 -6.18
C MET D 60 11.58 2.09 -6.27
N LYS D 61 12.42 2.11 -5.24
CA LYS D 61 13.77 2.66 -5.40
CA LYS D 61 13.77 2.65 -5.39
C LYS D 61 14.68 1.56 -5.94
N VAL D 62 15.56 1.93 -6.85
CA VAL D 62 16.43 0.97 -7.52
C VAL D 62 17.83 1.52 -7.44
N GLY D 63 18.72 0.76 -6.84
CA GLY D 63 20.10 1.17 -6.66
C GLY D 63 21.03 0.47 -7.63
N PHE D 64 21.98 1.23 -8.17
CA PHE D 64 22.97 0.70 -9.11
C PHE D 64 24.33 1.32 -8.89
N ARG D 65 25.37 0.59 -9.26
CA ARG D 65 26.70 1.08 -9.08
C ARG D 65 27.11 2.05 -10.17
N LEU D 66 27.61 3.21 -9.76
CA LEU D 66 28.11 4.17 -10.73
C LEU D 66 29.47 3.76 -11.26
N GLU D 67 29.60 3.91 -12.57
CA GLU D 67 30.85 3.70 -13.26
C GLU D 67 31.72 4.91 -12.93
N ASP D 68 33.03 4.71 -13.00
CA ASP D 68 34.01 5.78 -12.76
C ASP D 68 34.07 6.75 -13.94
N1A COA E . -20.77 8.69 -3.84
C2A COA E . -21.46 9.07 -2.69
N3A COA E . -21.89 8.09 -1.80
C4A COA E . -21.66 6.78 -2.08
C5A COA E . -20.97 6.39 -3.24
C6A COA E . -20.51 7.37 -4.13
N6A COA E . -19.57 7.05 -5.03
N7A COA E . -20.87 5.04 -3.26
C8A COA E . -21.48 4.56 -2.15
N9A COA E . -21.98 5.61 -1.41
N1 FMN F . -4.58 6.71 -10.25
C2 FMN F . -3.77 5.60 -10.37
O2 FMN F . -3.79 4.98 -11.42
N3 FMN F . -2.96 5.20 -9.31
C4 FMN F . -2.95 5.93 -8.15
O4 FMN F . -2.22 5.57 -7.20
C4A FMN F . -3.77 7.07 -8.03
N5 FMN F . -3.78 7.86 -6.88
C5A FMN F . -4.60 8.98 -6.78
C6 FMN F . -4.60 9.74 -5.61
C7 FMN F . -5.43 10.87 -5.50
C7M FMN F . -5.43 11.67 -4.23
C8 FMN F . -6.25 11.22 -6.56
C8M FMN F . -7.14 12.43 -6.46
C9 FMN F . -6.24 10.47 -7.72
C9A FMN F . -5.41 9.35 -7.86
N10 FMN F . -5.38 8.58 -9.01
C10 FMN F . -4.58 7.45 -9.10
C1' FMN F . -6.24 8.91 -10.20
C2' FMN F . -7.59 8.27 -10.00
O2' FMN F . -7.44 6.86 -9.92
C3' FMN F . -8.54 8.60 -11.13
O3' FMN F . -8.04 8.05 -12.31
C4' FMN F . -8.74 10.11 -11.30
O4' FMN F . -8.87 10.78 -10.07
C5' FMN F . -9.99 10.38 -12.11
O5' FMN F . -11.09 9.76 -11.51
P FMN F . -12.60 10.32 -11.70
O1P FMN F . -12.92 10.25 -13.19
O2P FMN F . -13.53 9.48 -10.86
O3P FMN F . -12.66 11.76 -11.30
C1 GOL G . -10.74 7.84 8.05
C1 GOL G . -10.56 5.72 8.61
C1 GOL G . -10.37 6.22 6.06
O1 GOL G . -9.91 8.90 8.51
O1 GOL G . -9.59 4.80 9.05
O1 GOL G . -9.35 6.54 5.12
C2 GOL G . -9.92 6.71 7.42
C2 GOL G . -10.00 6.64 7.52
C2 GOL G . -10.08 6.79 7.44
O2 GOL G . -10.08 6.74 6.02
O2 GOL G . -10.58 7.92 7.64
O2 GOL G . -10.61 5.95 8.43
C3 GOL G . -10.42 5.36 7.96
C3 GOL G . -10.33 6.07 6.14
C3 GOL G . -10.70 8.18 7.59
O3 GOL G . -9.61 4.89 9.02
O3 GOL G . -9.31 6.40 5.20
O3 GOL G . -9.98 8.98 8.50
C1 GOL H . -20.92 4.73 7.38
O1 GOL H . -20.53 5.61 8.40
C2 GOL H . -20.32 5.26 6.09
O2 GOL H . -20.21 4.24 5.13
C3 GOL H . -21.11 6.45 5.57
O3 GOL H . -20.34 7.60 5.82
C1 GOL I . 3.57 -2.32 3.09
C1 GOL I . 3.77 -1.79 1.02
C1 GOL I . 5.97 -2.78 2.76
O1 GOL I . 3.18 -1.25 2.27
O1 GOL I . 4.04 -0.44 1.33
O1 GOL I . 5.02 -2.54 3.78
C2 GOL I . 4.91 -2.92 2.63
C2 GOL I . 3.62 -2.63 2.29
C2 GOL I . 5.61 -2.05 1.47
O2 GOL I . 5.96 -2.46 3.46
O2 GOL I . 3.13 -1.84 3.35
O2 GOL I . 6.13 -0.74 1.49
C3 GOL I . 5.20 -2.60 1.17
C3 GOL I . 4.95 -3.26 2.67
C3 GOL I . 4.10 -2.00 1.27
O3 GOL I . 5.05 -1.22 0.88
O3 GOL I . 6.03 -2.60 2.03
O3 GOL I . 3.43 -2.72 2.28
N1A COA J . 7.99 -18.48 24.90
C2A COA J . 9.17 -18.20 25.57
N3A COA J . 10.40 -18.49 24.98
C4A COA J . 10.43 -19.07 23.74
C5A COA J . 9.23 -19.36 23.05
C6A COA J . 8.00 -19.06 23.64
N6A COA J . 6.89 -19.04 22.90
N7A COA J . 9.56 -19.91 21.86
C8A COA J . 10.91 -19.98 21.78
N9A COA J . 11.47 -19.47 22.93
N1 FMN K . -4.15 -10.96 14.83
C2 FMN K . -4.32 -10.95 13.47
O2 FMN K . -5.06 -11.78 12.97
N3 FMN K . -3.66 -10.01 12.69
C4 FMN K . -2.85 -9.06 13.27
O4 FMN K . -2.28 -8.22 12.56
C4A FMN K . -2.68 -9.08 14.66
N5 FMN K . -1.89 -8.13 15.31
C5A FMN K . -1.73 -8.17 16.69
C6 FMN K . -0.90 -7.22 17.31
C7 FMN K . -0.71 -7.23 18.69
C7M FMN K . 0.18 -6.19 19.33
C8 FMN K . -1.36 -8.19 19.46
C8M FMN K . -1.18 -8.24 20.95
C9 FMN K . -2.18 -9.13 18.85
C9A FMN K . -2.38 -9.12 17.46
N10 FMN K . -3.20 -10.05 16.81
C10 FMN K . -3.34 -10.02 15.43
C1' FMN K . -3.93 -11.12 17.58
C2' FMN K . -2.97 -12.28 17.76
O2' FMN K . -2.60 -12.76 16.49
C3' FMN K . -3.58 -13.41 18.58
O3' FMN K . -4.66 -13.98 17.87
C4' FMN K . -4.05 -12.93 19.95
O4' FMN K . -3.09 -12.07 20.53
C5' FMN K . -4.27 -14.11 20.88
O5' FMN K . -3.10 -14.91 20.92
P FMN K . -2.76 -15.85 22.19
O1P FMN K . -3.86 -16.87 22.33
O2P FMN K . -1.41 -16.45 21.91
O3P FMN K . -2.77 -14.99 23.43
C1 GOL L . 1.42 -12.87 -4.66
O1 GOL L . 0.34 -12.30 -4.00
C2 GOL L . 2.62 -12.10 -4.10
O2 GOL L . 3.74 -12.96 -4.15
C3 GOL L . 2.67 -10.85 -4.94
O3 GOL L . 2.43 -11.09 -6.32
C1 GOL M . 14.00 -5.74 18.60
O1 GOL M . 13.80 -4.42 19.05
C2 GOL M . 13.60 -5.92 17.14
O2 GOL M . 14.77 -6.16 16.36
C3 GOL M . 12.63 -7.08 16.97
O3 GOL M . 11.30 -6.65 16.76
CL CL N . 15.02 -9.75 18.94
N1A COA O . -23.14 12.82 13.73
C2A COA O . -23.55 11.52 13.49
N3A COA O . -23.79 11.09 12.20
C4A COA O . -23.64 11.97 11.15
C5A COA O . -23.23 13.30 11.39
C6A COA O . -22.97 13.73 12.70
N6A COA O . -22.39 14.91 12.91
N7A COA O . -23.16 13.93 10.19
C8A COA O . -23.51 13.06 9.22
N9A COA O . -23.81 11.84 9.80
N1 FMN P . -9.18 22.99 16.49
C2 FMN P . -8.48 23.80 15.66
O2 FMN P . -8.78 24.98 15.63
N3 FMN P . -7.44 23.31 14.88
C4 FMN P . -7.11 21.97 14.96
O4 FMN P . -6.18 21.54 14.28
C4A FMN P . -7.82 21.13 15.83
N5 FMN P . -7.51 19.78 15.97
C5A FMN P . -8.26 18.97 16.82
C6 FMN P . -7.94 17.61 16.94
C7 FMN P . -8.67 16.77 17.79
C7M FMN P . -8.30 15.32 17.87
C8 FMN P . -9.71 17.29 18.53
C8M FMN P . -10.51 16.41 19.46
C9 FMN P . -10.03 18.65 18.44
C9A FMN P . -9.30 19.50 17.59
N10 FMN P . -9.58 20.85 17.47
C10 FMN P . -8.86 21.64 16.59
C1' FMN P . -10.69 21.49 18.25
C2' FMN P . -11.97 21.30 17.48
O2' FMN P . -11.85 21.94 16.23
C3' FMN P . -13.18 21.83 18.24
O3' FMN P . -13.04 23.23 18.39
C4' FMN P . -13.35 21.19 19.62
O4' FMN P . -13.15 19.79 19.56
C5' FMN P . -14.74 21.45 20.15
O5' FMN P . -15.67 20.96 19.21
P FMN P . -17.16 20.53 19.66
O1P FMN P . -17.81 21.75 20.27
O2P FMN P . -17.87 20.02 18.43
O3P FMN P . -17.05 19.49 20.73
C TRS Q . -1.74 28.72 -1.63
C1 TRS Q . -1.63 29.95 -0.76
C2 TRS Q . -3.18 28.40 -1.83
C3 TRS Q . -1.10 29.01 -2.95
N TRS Q . -1.08 27.59 -0.98
O1 TRS Q . -2.71 30.14 0.11
O2 TRS Q . -3.52 28.07 -3.14
O3 TRS Q . 0.07 29.76 -2.89
CL CL R . -14.43 6.32 7.01
N1A COA S . 26.88 4.22 -14.11
C2A COA S . 26.88 5.56 -14.52
N3A COA S . 25.93 6.02 -15.40
C4A COA S . 24.97 5.15 -15.87
C5A COA S . 24.96 3.81 -15.47
C6A COA S . 25.92 3.34 -14.57
N6A COA S . 25.76 2.15 -13.97
N7A COA S . 23.92 3.19 -16.09
C8A COA S . 23.29 4.11 -16.86
N9A COA S . 23.91 5.32 -16.76
N1 FMN T . 21.71 -6.19 -1.03
C2 FMN T . 20.61 -7.00 -0.90
O2 FMN T . 20.71 -8.18 -1.19
N3 FMN T . 19.41 -6.49 -0.43
C4 FMN T . 19.31 -5.16 -0.06
O4 FMN T . 18.23 -4.73 0.36
C4A FMN T . 20.44 -4.33 -0.20
N5 FMN T . 20.41 -2.99 0.17
C5A FMN T . 21.54 -2.18 0.02
C6 FMN T . 21.47 -0.83 0.37
C7 FMN T . 22.58 -0.01 0.24
C7M FMN T . 22.48 1.44 0.63
C8 FMN T . 23.77 -0.51 -0.25
C8M FMN T . 24.97 0.37 -0.40
C9 FMN T . 23.85 -1.86 -0.61
C9A FMN T . 22.74 -2.71 -0.46
N10 FMN T . 22.77 -4.07 -0.80
C10 FMN T . 21.64 -4.85 -0.67
C1' FMN T . 24.01 -4.70 -1.34
C2' FMN T . 24.03 -4.47 -2.83
O2' FMN T . 22.90 -5.10 -3.44
C3' FMN T . 25.30 -5.02 -3.48
O3' FMN T . 25.32 -6.42 -3.32
C4' FMN T . 26.56 -4.43 -2.87
O4' FMN T . 26.44 -3.04 -2.67
C5' FMN T . 27.74 -4.71 -3.79
O5' FMN T . 27.45 -4.18 -5.07
P FMN T . 28.64 -3.73 -6.06
O1P FMN T . 29.49 -4.95 -6.36
O2P FMN T . 27.98 -3.17 -7.31
O3P FMN T . 29.50 -2.71 -5.36
#